data_9DTE
#
_entry.id   9DTE
#
_cell.length_a   56.429
_cell.length_b   56.429
_cell.length_c   96.624
_cell.angle_alpha   90.000
_cell.angle_beta   90.000
_cell.angle_gamma   120.000
#
_symmetry.space_group_name_H-M   'H 3'
#
loop_
_entity.id
_entity.type
_entity.pdbx_description
1 polymer C2-02802
2 water water
#
_entity_poly.entity_id   1
_entity_poly.type   'polypeptide(L)'
_entity_poly.pdbx_seq_one_letter_code
;DLEERFERLYEKAKKLAEERGDERARRMIELLRQLFETVGDPRILELLELLLQLLEGLEHHHHHH
;
_entity_poly.pdbx_strand_id   A,B
#
# COMPACT_ATOMS: atom_id res chain seq x y z
N ASP A 1 -20.98 -7.47 -1.75
CA ASP A 1 -19.96 -8.21 -2.49
C ASP A 1 -18.58 -7.55 -2.34
N LEU A 2 -17.56 -8.37 -2.13
CA LEU A 2 -16.22 -7.82 -1.90
C LEU A 2 -15.62 -7.27 -3.19
N GLU A 3 -15.84 -7.95 -4.32
CA GLU A 3 -15.30 -7.49 -5.58
C GLU A 3 -15.90 -6.16 -6.01
N GLU A 4 -17.23 -6.02 -5.88
CA GLU A 4 -17.89 -4.77 -6.25
C GLU A 4 -17.43 -3.62 -5.37
N ARG A 5 -17.22 -3.88 -4.07
CA ARG A 5 -16.73 -2.84 -3.19
C ARG A 5 -15.29 -2.46 -3.51
N PHE A 6 -14.48 -3.44 -3.90
CA PHE A 6 -13.09 -3.13 -4.25
C PHE A 6 -13.01 -2.30 -5.53
N GLU A 7 -13.85 -2.62 -6.52
CA GLU A 7 -13.80 -1.90 -7.78
C GLU A 7 -14.22 -0.44 -7.60
N ARG A 8 -15.24 -0.20 -6.77
CA ARG A 8 -15.63 1.18 -6.47
C ARG A 8 -14.50 1.93 -5.77
N LEU A 9 -13.83 1.27 -4.82
CA LEU A 9 -12.71 1.90 -4.12
C LEU A 9 -11.53 2.14 -5.06
N TYR A 10 -11.27 1.18 -5.96
CA TYR A 10 -10.16 1.32 -6.90
C TYR A 10 -10.35 2.53 -7.81
N GLU A 11 -11.55 2.72 -8.35
CA GLU A 11 -11.80 3.86 -9.22
C GLU A 11 -11.65 5.18 -8.46
N LYS A 12 -12.07 5.20 -7.19
CA LYS A 12 -11.94 6.42 -6.40
C LYS A 12 -10.48 6.72 -6.10
N ALA A 13 -9.68 5.70 -5.76
CA ALA A 13 -8.27 5.93 -5.46
C ALA A 13 -7.49 6.30 -6.71
N LYS A 14 -7.77 5.63 -7.83
CA LYS A 14 -7.09 5.95 -9.08
C LYS A 14 -7.42 7.37 -9.53
N LYS A 15 -8.66 7.80 -9.32
CA LYS A 15 -9.07 9.14 -9.74
C LYS A 15 -8.32 10.21 -8.95
N LEU A 16 -8.14 10.00 -7.64
CA LEU A 16 -7.44 10.98 -6.83
C LEU A 16 -5.95 11.01 -7.16
N ALA A 17 -5.34 9.84 -7.36
CA ALA A 17 -3.93 9.79 -7.70
C ALA A 17 -3.66 10.49 -9.03
N GLU A 18 -4.54 10.31 -10.01
CA GLU A 18 -4.37 10.99 -11.29
C GLU A 18 -4.51 12.50 -11.14
N GLU A 19 -5.44 12.95 -10.29
CA GLU A 19 -5.62 14.39 -10.09
C GLU A 19 -4.39 15.02 -9.46
N ARG A 20 -3.71 14.29 -8.57
CA ARG A 20 -2.53 14.80 -7.91
C ARG A 20 -1.26 14.60 -8.73
N GLY A 21 -1.33 13.85 -9.82
CA GLY A 21 -0.14 13.52 -10.56
C GLY A 21 0.83 12.65 -9.79
N ASP A 22 0.32 11.81 -8.89
CA ASP A 22 1.15 10.95 -8.04
C ASP A 22 1.35 9.64 -8.79
N GLU A 23 2.43 9.58 -9.58
CA GLU A 23 2.70 8.38 -10.37
C GLU A 23 2.98 7.17 -9.48
N ARG A 24 3.69 7.39 -8.37
CA ARG A 24 3.99 6.28 -7.46
C ARG A 24 2.71 5.70 -6.86
N ALA A 25 1.79 6.57 -6.44
CA ALA A 25 0.53 6.09 -5.90
C ALA A 25 -0.29 5.35 -6.96
N ARG A 26 -0.28 5.86 -8.20
CA ARG A 26 -0.99 5.18 -9.28
C ARG A 26 -0.50 3.75 -9.45
N ARG A 27 0.82 3.54 -9.41
CA ARG A 27 1.35 2.19 -9.58
C ARG A 27 1.04 1.32 -8.38
N MET A 28 1.06 1.86 -7.17
CA MET A 28 0.65 1.08 -6.01
C MET A 28 -0.80 0.64 -6.12
N ILE A 29 -1.67 1.53 -6.60
CA ILE A 29 -3.08 1.18 -6.76
C ILE A 29 -3.25 0.05 -7.76
N GLU A 30 -2.51 0.10 -8.87
CA GLU A 30 -2.60 -0.97 -9.86
C GLU A 30 -2.09 -2.29 -9.28
N LEU A 31 -0.99 -2.25 -8.51
CA LEU A 31 -0.48 -3.45 -7.87
C LEU A 31 -1.48 -4.03 -6.90
N LEU A 32 -2.15 -3.18 -6.13
CA LEU A 32 -3.15 -3.64 -5.17
C LEU A 32 -4.30 -4.35 -5.88
N ARG A 33 -4.74 -3.81 -7.02
CA ARG A 33 -5.79 -4.48 -7.79
C ARG A 33 -5.33 -5.84 -8.28
N GLN A 34 -4.10 -5.91 -8.82
CA GLN A 34 -3.57 -7.19 -9.31
C GLN A 34 -3.48 -8.20 -8.17
N LEU A 35 -3.04 -7.76 -6.99
CA LEU A 35 -2.94 -8.67 -5.85
C LEU A 35 -4.31 -9.13 -5.38
N PHE A 36 -5.29 -8.22 -5.33
CA PHE A 36 -6.62 -8.61 -4.89
C PHE A 36 -7.27 -9.59 -5.86
N GLU A 37 -7.09 -9.37 -7.17
CA GLU A 37 -7.62 -10.32 -8.14
C GLU A 37 -6.94 -11.68 -8.03
N THR A 38 -5.68 -11.70 -7.63
CA THR A 38 -4.96 -12.96 -7.48
C THR A 38 -5.35 -13.68 -6.20
N VAL A 39 -5.34 -12.96 -5.07
CA VAL A 39 -5.45 -13.55 -3.76
C VAL A 39 -6.87 -13.46 -3.19
N GLY A 40 -7.51 -12.31 -3.35
CA GLY A 40 -8.84 -12.11 -2.80
C GLY A 40 -8.88 -11.84 -1.30
N ASP A 41 -7.73 -11.52 -0.70
CA ASP A 41 -7.67 -11.33 0.75
C ASP A 41 -8.27 -9.98 1.11
N PRO A 42 -9.21 -9.93 2.07
CA PRO A 42 -9.77 -8.64 2.48
C PRO A 42 -8.75 -7.65 3.01
N ARG A 43 -7.59 -8.12 3.48
CA ARG A 43 -6.54 -7.20 3.93
C ARG A 43 -6.02 -6.33 2.79
N ILE A 44 -6.12 -6.82 1.55
CA ILE A 44 -5.73 -5.99 0.41
C ILE A 44 -6.72 -4.86 0.21
N LEU A 45 -8.00 -5.12 0.45
CA LEU A 45 -8.99 -4.05 0.45
C LEU A 45 -8.66 -3.00 1.51
N GLU A 46 -8.30 -3.45 2.71
CA GLU A 46 -7.94 -2.51 3.77
C GLU A 46 -6.72 -1.69 3.38
N LEU A 47 -5.72 -2.32 2.75
CA LEU A 47 -4.54 -1.60 2.29
C LEU A 47 -4.92 -0.47 1.35
N LEU A 48 -5.81 -0.73 0.41
CA LEU A 48 -6.21 0.31 -0.54
C LEU A 48 -7.01 1.41 0.14
N GLU A 49 -7.87 1.04 1.11
CA GLU A 49 -8.57 2.05 1.91
C GLU A 49 -7.57 2.96 2.62
N LEU A 50 -6.53 2.38 3.22
CA LEU A 50 -5.56 3.19 3.95
C LEU A 50 -4.75 4.06 3.00
N LEU A 51 -4.41 3.53 1.82
CA LEU A 51 -3.69 4.35 0.84
C LEU A 51 -4.55 5.54 0.39
N LEU A 52 -5.85 5.30 0.18
CA LEU A 52 -6.75 6.39 -0.20
C LEU A 52 -6.83 7.44 0.92
N GLN A 53 -6.91 6.99 2.17
CA GLN A 53 -6.93 7.93 3.29
C GLN A 53 -5.63 8.73 3.36
N LEU A 54 -4.50 8.10 3.04
CA LEU A 54 -3.23 8.81 3.02
C LEU A 54 -3.23 9.91 1.97
N LEU A 55 -3.70 9.60 0.76
CA LEU A 55 -3.78 10.60 -0.30
C LEU A 55 -4.77 11.70 0.06
N GLU A 56 -5.90 11.34 0.67
CA GLU A 56 -6.88 12.35 1.07
C GLU A 56 -6.34 13.27 2.15
N GLY A 57 -5.45 12.76 3.01
CA GLY A 57 -4.82 13.60 4.01
C GLY A 57 -3.89 14.64 3.45
N LEU A 58 -3.41 14.44 2.22
CA LEU A 58 -2.53 15.42 1.58
C LEU A 58 -3.31 16.55 0.92
N GLU A 59 -4.60 16.37 0.68
CA GLU A 59 -5.42 17.42 0.07
C GLU A 59 -5.60 18.60 1.03
N LEU B 2 14.22 -13.76 -0.72
CA LEU B 2 13.52 -12.48 -0.65
C LEU B 2 13.14 -12.13 0.78
N GLU B 3 13.33 -13.09 1.70
CA GLU B 3 13.00 -12.84 3.10
C GLU B 3 13.91 -11.78 3.71
N GLU B 4 15.20 -11.83 3.39
CA GLU B 4 16.13 -10.82 3.90
C GLU B 4 15.83 -9.46 3.28
N ARG B 5 15.50 -9.42 2.00
CA ARG B 5 15.09 -8.18 1.35
C ARG B 5 13.85 -7.59 2.03
N PHE B 6 12.89 -8.44 2.38
CA PHE B 6 11.68 -7.95 3.04
C PHE B 6 12.01 -7.34 4.40
N GLU B 7 12.87 -7.99 5.18
CA GLU B 7 13.18 -7.49 6.50
C GLU B 7 13.82 -6.10 6.44
N ARG B 8 14.72 -5.89 5.47
CA ARG B 8 15.35 -4.58 5.34
C ARG B 8 14.33 -3.51 4.98
N LEU B 9 13.43 -3.81 4.05
CA LEU B 9 12.39 -2.86 3.68
C LEU B 9 11.46 -2.60 4.85
N TYR B 10 11.05 -3.67 5.54
CA TYR B 10 10.14 -3.53 6.67
C TYR B 10 10.73 -2.64 7.75
N GLU B 11 11.99 -2.90 8.13
CA GLU B 11 12.61 -2.15 9.22
C GLU B 11 12.75 -0.67 8.87
N LYS B 12 13.19 -0.37 7.63
CA LYS B 12 13.37 1.02 7.24
C LYS B 12 12.02 1.74 7.13
N ALA B 13 11.02 1.09 6.56
CA ALA B 13 9.71 1.73 6.42
C ALA B 13 9.06 1.95 7.78
N LYS B 14 9.18 0.96 8.68
CA LYS B 14 8.56 1.10 10.00
C LYS B 14 9.16 2.25 10.78
N LYS B 15 10.49 2.43 10.70
CA LYS B 15 11.12 3.55 11.39
C LYS B 15 10.67 4.89 10.82
N LEU B 16 10.52 4.97 9.49
CA LEU B 16 10.07 6.21 8.87
C LEU B 16 8.63 6.52 9.26
N ALA B 17 7.76 5.52 9.21
CA ALA B 17 6.36 5.74 9.58
C ALA B 17 6.25 6.21 11.03
N GLU B 18 7.06 5.63 11.92
CA GLU B 18 7.02 6.05 13.32
C GLU B 18 7.59 7.45 13.50
N GLU B 19 8.67 7.77 12.79
CA GLU B 19 9.25 9.11 12.91
C GLU B 19 8.31 10.18 12.36
N ARG B 20 7.44 9.82 11.43
CA ARG B 20 6.47 10.75 10.87
C ARG B 20 5.15 10.75 11.62
N GLY B 21 5.01 9.92 12.65
CA GLY B 21 3.73 9.82 13.35
C GLY B 21 2.58 9.40 12.47
N ASP B 22 2.85 8.59 11.45
CA ASP B 22 1.84 8.18 10.47
C ASP B 22 1.30 6.82 10.89
N GLU B 23 0.19 6.84 11.63
CA GLU B 23 -0.44 5.60 12.07
C GLU B 23 -0.99 4.80 10.89
N ARG B 24 -1.50 5.48 9.87
CA ARG B 24 -2.01 4.78 8.70
C ARG B 24 -0.91 3.99 8.00
N ALA B 25 0.24 4.63 7.79
CA ALA B 25 1.36 3.93 7.15
C ALA B 25 1.88 2.80 8.02
N ARG B 26 1.88 2.97 9.35
CA ARG B 26 2.30 1.89 10.22
C ARG B 26 1.39 0.67 10.08
N ARG B 27 0.06 0.91 10.02
CA ARG B 27 -0.88 -0.19 9.82
C ARG B 27 -0.68 -0.85 8.46
N MET B 28 -0.40 -0.05 7.42
CA MET B 28 -0.15 -0.63 6.10
C MET B 28 1.06 -1.54 6.12
N ILE B 29 2.12 -1.13 6.82
CA ILE B 29 3.34 -1.93 6.88
C ILE B 29 3.08 -3.26 7.56
N GLU B 30 2.27 -3.27 8.62
CA GLU B 30 1.94 -4.52 9.29
C GLU B 30 1.09 -5.42 8.41
N LEU B 31 0.16 -4.83 7.65
CA LEU B 31 -0.65 -5.63 6.74
C LEU B 31 0.19 -6.24 5.62
N LEU B 32 1.14 -5.48 5.08
CA LEU B 32 2.04 -6.02 4.08
C LEU B 32 2.90 -7.13 4.67
N ARG B 33 3.29 -6.99 5.93
CA ARG B 33 4.05 -8.03 6.62
C ARG B 33 3.24 -9.32 6.73
N GLN B 34 1.97 -9.21 7.13
CA GLN B 34 1.13 -10.39 7.27
C GLN B 34 0.89 -11.05 5.92
N LEU B 35 0.70 -10.26 4.87
CA LEU B 35 0.42 -10.83 3.55
C LEU B 35 1.64 -11.54 2.98
N PHE B 36 2.83 -10.94 3.14
CA PHE B 36 4.04 -11.57 2.61
C PHE B 36 4.33 -12.88 3.34
N GLU B 37 4.14 -12.90 4.67
CA GLU B 37 4.36 -14.13 5.42
C GLU B 37 3.31 -15.19 5.13
N THR B 38 2.16 -14.79 4.58
CA THR B 38 1.08 -15.71 4.23
C THR B 38 1.11 -16.12 2.77
N VAL B 39 1.22 -15.15 1.86
CA VAL B 39 1.15 -15.39 0.43
C VAL B 39 2.53 -15.47 -0.21
N GLY B 40 3.43 -14.57 0.16
CA GLY B 40 4.78 -14.60 -0.39
C GLY B 40 4.92 -14.11 -1.80
N ASP B 41 3.94 -13.35 -2.30
CA ASP B 41 4.02 -12.85 -3.67
C ASP B 41 5.06 -11.73 -3.74
N PRO B 42 5.97 -11.77 -4.72
CA PRO B 42 6.98 -10.70 -4.82
C PRO B 42 6.39 -9.31 -5.01
N ARG B 43 5.18 -9.21 -5.58
CA ARG B 43 4.54 -7.90 -5.74
C ARG B 43 4.22 -7.26 -4.39
N ILE B 44 4.18 -8.04 -3.31
CA ILE B 44 4.03 -7.45 -1.98
C ILE B 44 5.29 -6.70 -1.58
N LEU B 45 6.46 -7.23 -1.95
CA LEU B 45 7.71 -6.51 -1.71
C LEU B 45 7.75 -5.23 -2.53
N GLU B 46 7.36 -5.30 -3.82
CA GLU B 46 7.28 -4.11 -4.65
C GLU B 46 6.39 -3.05 -4.01
N LEU B 47 5.24 -3.45 -3.47
CA LEU B 47 4.36 -2.49 -2.81
C LEU B 47 5.02 -1.87 -1.59
N LEU B 48 5.73 -2.68 -0.80
CA LEU B 48 6.42 -2.15 0.37
C LEU B 48 7.52 -1.17 -0.02
N GLU B 49 8.27 -1.49 -1.08
CA GLU B 49 9.29 -0.57 -1.57
C GLU B 49 8.66 0.74 -2.04
N LEU B 50 7.52 0.67 -2.72
CA LEU B 50 6.87 1.89 -3.20
C LEU B 50 6.31 2.71 -2.03
N LEU B 51 5.77 2.04 -1.01
CA LEU B 51 5.34 2.75 0.18
C LEU B 51 6.51 3.43 0.88
N LEU B 52 7.67 2.74 0.92
CA LEU B 52 8.86 3.35 1.49
C LEU B 52 9.28 4.60 0.72
N GLN B 53 9.27 4.53 -0.62
CA GLN B 53 9.62 5.71 -1.41
C GLN B 53 8.62 6.84 -1.19
N LEU B 54 7.34 6.51 -0.99
CA LEU B 54 6.34 7.53 -0.74
C LEU B 54 6.62 8.25 0.58
N LEU B 55 6.94 7.50 1.63
CA LEU B 55 7.29 8.11 2.90
C LEU B 55 8.59 8.91 2.79
N GLU B 56 9.55 8.41 2.01
CA GLU B 56 10.79 9.15 1.80
C GLU B 56 10.55 10.44 1.03
N GLY B 57 9.71 10.39 -0.01
CA GLY B 57 9.45 11.58 -0.80
C GLY B 57 8.73 12.67 -0.02
N LEU B 58 7.84 12.29 0.90
CA LEU B 58 7.17 13.29 1.72
C LEU B 58 8.13 14.00 2.66
N GLU B 59 9.18 13.31 3.09
CA GLU B 59 10.17 13.92 3.98
C GLU B 59 11.30 14.56 3.18
#